data_5YF4
#
_entry.id   5YF4
#
_cell.length_a   88.469
_cell.length_b   33.997
_cell.length_c   61.023
_cell.angle_alpha   90.00
_cell.angle_beta   122.67
_cell.angle_gamma   90.00
#
_symmetry.space_group_name_H-M   'C 1 2 1'
#
loop_
_entity.id
_entity.type
_entity.pdbx_description
1 polymer 'MOB-like protein phocein'
2 polymer 'Peptide from Serine/threonine-protein kinase 26'
3 non-polymer 'ZINC ION'
4 water water
#
loop_
_entity_poly.entity_id
_entity_poly.type
_entity_poly.pdbx_seq_one_letter_code
_entity_poly.pdbx_strand_id
1 'polypeptide(L)'
;STMENIDKILEPPEGQDEGVWKYEHLRQFCLELNGLAVKLQSECHPDTCTQMTATEQWIFLCAAHKTPKECPAIDYTRHT
LDGAACLLNSNKYFPSRVSIKESSVAKLGSVCRRIYRIFSHAYFHHRQIFDEYENETFLCHRFTKFVMKYNLMSKDNLIV
PI
;
A
2 'polypeptide(L)' THPEWSF(TPO)(TPO)VRKKPDP B
#
# COMPACT_ATOMS: atom_id res chain seq x y z
N GLY A 19 -19.36 11.67 0.97
CA GLY A 19 -18.77 10.49 1.60
C GLY A 19 -18.81 9.26 0.73
N VAL A 20 -19.87 9.14 -0.07
CA VAL A 20 -20.01 7.99 -0.96
C VAL A 20 -18.92 7.99 -2.01
N TRP A 21 -18.51 9.18 -2.49
CA TRP A 21 -17.46 9.25 -3.50
C TRP A 21 -16.12 8.80 -2.92
N LYS A 22 -15.92 8.94 -1.59
CA LYS A 22 -14.70 8.50 -0.96
C LYS A 22 -14.50 7.00 -1.12
N TYR A 23 -15.50 6.20 -0.74
CA TYR A 23 -15.41 4.76 -0.97
C TYR A 23 -15.26 4.45 -2.46
N GLU A 24 -15.92 5.23 -3.32
CA GLU A 24 -15.96 4.91 -4.74
C GLU A 24 -14.60 5.12 -5.40
N HIS A 25 -14.05 6.34 -5.31
CA HIS A 25 -12.78 6.60 -6.00
C HIS A 25 -11.68 5.70 -5.47
N LEU A 26 -11.78 5.27 -4.20
CA LEU A 26 -10.75 4.37 -3.69
C LEU A 26 -10.78 3.05 -4.43
N ARG A 27 -11.98 2.59 -4.86
CA ARG A 27 -12.06 1.28 -5.47
C ARG A 27 -11.29 1.24 -6.79
N GLN A 28 -11.47 2.26 -7.64
CA GLN A 28 -10.64 2.35 -8.86
C GLN A 28 -9.14 2.33 -8.55
N PHE A 29 -8.71 3.00 -7.48
CA PHE A 29 -7.30 2.95 -7.11
C PHE A 29 -6.86 1.53 -6.80
N CYS A 30 -7.69 0.77 -6.07
CA CYS A 30 -7.32 -0.60 -5.74
C CYS A 30 -7.22 -1.47 -6.99
N LEU A 31 -8.05 -1.20 -8.00
CA LEU A 31 -7.98 -1.94 -9.27
C LEU A 31 -6.65 -1.73 -9.97
N GLU A 32 -6.30 -0.47 -10.24
CA GLU A 32 -4.98 -0.19 -10.81
C GLU A 32 -3.86 -0.61 -9.87
N LEU A 33 -4.10 -0.59 -8.55
CA LEU A 33 -3.00 -1.01 -7.69
C LEU A 33 -2.70 -2.51 -7.85
N ASN A 34 -3.71 -3.28 -8.24
N ASN A 34 -3.71 -3.28 -8.24
CA ASN A 34 -3.48 -4.68 -8.58
CA ASN A 34 -3.47 -4.68 -8.59
C ASN A 34 -2.50 -4.80 -9.74
C ASN A 34 -2.49 -4.79 -9.76
N GLY A 35 -2.57 -3.86 -10.72
CA GLY A 35 -1.60 -3.87 -11.81
C GLY A 35 -0.18 -3.76 -11.30
N LEU A 36 0.03 -2.86 -10.34
CA LEU A 36 1.36 -2.71 -9.74
C LEU A 36 1.76 -3.98 -9.01
N ALA A 37 0.84 -4.55 -8.23
CA ALA A 37 1.17 -5.74 -7.46
C ALA A 37 1.57 -6.87 -8.40
N VAL A 38 0.88 -7.00 -9.54
CA VAL A 38 1.21 -8.06 -10.48
C VAL A 38 2.58 -7.82 -11.12
N LYS A 39 2.90 -6.58 -11.45
CA LYS A 39 4.24 -6.27 -11.94
C LYS A 39 5.29 -6.59 -10.88
N LEU A 40 4.99 -6.28 -9.62
CA LEU A 40 5.98 -6.52 -8.56
C LEU A 40 6.24 -8.00 -8.33
N GLN A 41 5.22 -8.85 -8.51
CA GLN A 41 5.41 -10.23 -8.08
C GLN A 41 6.44 -10.96 -8.94
N SER A 42 6.91 -10.30 -9.99
CA SER A 42 7.99 -10.84 -10.81
C SER A 42 9.35 -10.76 -10.12
N GLU A 43 9.57 -9.82 -9.19
CA GLU A 43 10.83 -9.83 -8.46
C GLU A 43 10.68 -9.65 -6.96
N CYS A 44 9.50 -9.36 -6.45
CA CYS A 44 9.32 -9.20 -5.00
C CYS A 44 8.93 -10.58 -4.48
N HIS A 45 9.90 -11.35 -4.04
CA HIS A 45 9.76 -12.74 -3.55
C HIS A 45 10.06 -12.91 -2.08
N PRO A 46 9.44 -13.89 -1.45
CA PRO A 46 9.57 -13.95 0.00
C PRO A 46 10.94 -14.42 0.47
N ASP A 47 11.80 -14.95 -0.41
CA ASP A 47 13.14 -15.28 0.04
C ASP A 47 14.05 -14.05 0.14
N THR A 48 13.70 -12.95 -0.52
CA THR A 48 14.54 -11.74 -0.46
C THR A 48 13.79 -10.56 0.15
N CYS A 49 12.54 -10.33 -0.23
CA CYS A 49 11.68 -9.37 0.51
C CYS A 49 10.92 -10.15 1.58
N THR A 50 11.63 -10.47 2.67
CA THR A 50 11.10 -11.36 3.71
C THR A 50 10.14 -10.64 4.65
N GLN A 51 10.12 -9.31 4.62
CA GLN A 51 9.26 -8.48 5.44
C GLN A 51 8.69 -7.31 4.64
N MET A 52 7.66 -6.69 5.17
CA MET A 52 7.10 -5.51 4.50
C MET A 52 7.83 -4.29 5.10
N THR A 53 8.74 -3.67 4.33
CA THR A 53 9.41 -2.45 4.81
C THR A 53 9.44 -1.40 3.70
N ALA A 54 9.68 -0.14 4.10
CA ALA A 54 9.95 0.93 3.16
C ALA A 54 11.36 1.43 3.43
N THR A 55 11.53 2.49 4.21
CA THR A 55 12.89 2.97 4.32
C THR A 55 13.48 2.93 5.71
N GLU A 56 12.70 3.18 6.76
CA GLU A 56 13.40 3.33 8.04
C GLU A 56 13.46 1.96 8.74
N GLN A 57 13.54 1.97 10.06
CA GLN A 57 13.61 0.74 10.83
C GLN A 57 12.23 0.25 11.27
N TRP A 58 11.19 0.51 10.45
CA TRP A 58 9.84 0.05 10.73
C TRP A 58 9.59 -1.21 9.91
N ILE A 59 9.04 -2.23 10.56
CA ILE A 59 8.42 -3.37 9.89
C ILE A 59 6.91 -3.17 9.98
N PHE A 60 6.23 -3.43 8.89
CA PHE A 60 4.77 -3.33 8.84
C PHE A 60 4.13 -4.70 8.94
N LEU A 61 3.16 -4.85 9.84
CA LEU A 61 2.53 -6.14 10.09
C LEU A 61 1.20 -6.20 9.36
N CYS A 62 1.01 -7.27 8.58
CA CYS A 62 -0.18 -7.47 7.77
C CYS A 62 -1.42 -7.64 8.63
N ALA A 63 -2.48 -6.88 8.35
CA ALA A 63 -3.68 -6.86 9.18
C ALA A 63 -4.74 -7.89 8.73
N ALA A 64 -4.49 -8.70 7.70
CA ALA A 64 -5.49 -9.64 7.20
C ALA A 64 -5.49 -10.95 7.95
N HIS A 65 -5.21 -10.89 9.25
CA HIS A 65 -5.04 -12.08 10.06
C HIS A 65 -5.60 -11.77 11.44
N LYS A 66 -5.84 -12.82 12.24
CA LYS A 66 -6.44 -12.61 13.56
C LYS A 66 -5.56 -11.73 14.42
N THR A 67 -4.24 -11.93 14.34
CA THR A 67 -3.20 -11.12 14.93
C THR A 67 -2.28 -10.58 13.84
N PRO A 68 -1.87 -9.31 13.90
CA PRO A 68 -1.00 -8.76 12.84
C PRO A 68 0.23 -9.64 12.65
N LYS A 69 0.56 -9.95 11.40
CA LYS A 69 1.51 -10.99 11.01
C LYS A 69 2.64 -10.38 10.20
N GLU A 70 3.85 -10.91 10.39
CA GLU A 70 5.03 -10.48 9.64
C GLU A 70 5.04 -11.15 8.26
N CYS A 71 4.10 -10.76 7.43
CA CYS A 71 4.05 -11.34 6.09
C CYS A 71 5.21 -10.80 5.25
N PRO A 72 5.78 -11.64 4.38
CA PRO A 72 6.71 -11.12 3.37
C PRO A 72 5.99 -10.08 2.53
N ALA A 73 6.78 -9.21 1.88
CA ALA A 73 6.19 -8.05 1.22
C ALA A 73 5.13 -8.44 0.19
N ILE A 74 5.39 -9.49 -0.54
CA ILE A 74 4.45 -9.90 -1.56
C ILE A 74 3.12 -10.33 -0.96
N ASP A 75 3.21 -11.02 0.16
CA ASP A 75 2.02 -11.42 0.89
C ASP A 75 1.30 -10.21 1.47
N TYR A 76 2.03 -9.33 2.16
CA TYR A 76 1.42 -8.11 2.69
C TYR A 76 0.63 -7.40 1.59
N THR A 77 1.27 -7.25 0.43
CA THR A 77 0.64 -6.56 -0.70
C THR A 77 -0.67 -7.22 -1.11
N ARG A 78 -0.63 -8.53 -1.36
CA ARG A 78 -1.81 -9.27 -1.81
C ARG A 78 -2.90 -9.26 -0.76
N HIS A 79 -2.55 -9.60 0.48
CA HIS A 79 -3.55 -9.73 1.52
C HIS A 79 -4.22 -8.39 1.78
N THR A 80 -3.44 -7.31 1.73
CA THR A 80 -3.98 -5.97 2.00
C THR A 80 -4.90 -5.50 0.86
N LEU A 81 -4.49 -5.72 -0.40
CA LEU A 81 -5.37 -5.38 -1.51
C LEU A 81 -6.63 -6.22 -1.46
N ASP A 82 -6.49 -7.47 -1.13
CA ASP A 82 -7.64 -8.31 -0.98
C ASP A 82 -8.53 -7.79 0.12
N GLY A 83 -7.99 -7.38 1.23
CA GLY A 83 -8.82 -6.89 2.33
C GLY A 83 -9.52 -5.60 1.97
N ALA A 84 -8.85 -4.75 1.20
CA ALA A 84 -9.45 -3.48 0.78
C ALA A 84 -10.55 -3.72 -0.23
N ALA A 85 -10.33 -4.62 -1.18
CA ALA A 85 -11.39 -4.92 -2.13
C ALA A 85 -12.61 -5.47 -1.41
N CYS A 86 -12.39 -6.25 -0.35
CA CYS A 86 -13.52 -6.84 0.37
C CYS A 86 -14.27 -5.77 1.18
N LEU A 87 -13.53 -4.91 1.88
CA LEU A 87 -14.18 -3.86 2.67
C LEU A 87 -15.00 -2.92 1.81
N LEU A 88 -14.61 -2.75 0.54
CA LEU A 88 -15.23 -1.74 -0.31
C LEU A 88 -16.56 -2.23 -0.89
N ASN A 89 -16.61 -3.44 -1.44
CA ASN A 89 -17.87 -3.86 -2.04
C ASN A 89 -18.95 -4.18 -0.99
N SER A 90 -18.67 -4.03 0.29
CA SER A 90 -19.66 -4.29 1.33
C SER A 90 -20.36 -3.02 1.79
N ALA A 106 -13.31 6.65 9.28
CA ALA A 106 -12.07 6.31 9.97
C ALA A 106 -11.55 5.00 9.44
N LYS A 107 -12.47 4.07 9.13
CA LYS A 107 -12.00 2.84 8.50
C LYS A 107 -11.31 3.14 7.18
N LEU A 108 -11.75 4.19 6.46
CA LEU A 108 -11.08 4.55 5.22
C LEU A 108 -9.63 4.90 5.47
N GLY A 109 -9.37 5.67 6.53
CA GLY A 109 -8.00 6.06 6.82
C GLY A 109 -7.08 4.88 6.98
N SER A 110 -7.56 3.81 7.64
CA SER A 110 -6.69 2.65 7.89
C SER A 110 -6.34 1.95 6.60
N VAL A 111 -7.34 1.73 5.76
CA VAL A 111 -7.11 1.10 4.46
C VAL A 111 -6.10 1.90 3.66
N CYS A 112 -6.32 3.22 3.60
CA CYS A 112 -5.42 4.08 2.82
C CYS A 112 -3.99 3.98 3.34
N ARG A 113 -3.80 4.11 4.65
CA ARG A 113 -2.46 3.96 5.24
C ARG A 113 -1.82 2.64 4.85
N ARG A 114 -2.57 1.54 4.89
CA ARG A 114 -1.96 0.25 4.59
C ARG A 114 -1.66 0.09 3.11
N ILE A 115 -2.62 0.49 2.25
CA ILE A 115 -2.43 0.46 0.80
C ILE A 115 -1.20 1.29 0.38
N TYR A 116 -0.99 2.43 1.04
CA TYR A 116 0.10 3.32 0.65
C TYR A 116 1.46 2.61 0.78
N ARG A 117 1.57 1.70 1.75
CA ARG A 117 2.85 1.01 1.94
C ARG A 117 3.24 0.17 0.73
N ILE A 118 2.26 -0.22 -0.09
CA ILE A 118 2.60 -0.92 -1.32
C ILE A 118 3.44 -0.02 -2.22
N PHE A 119 3.07 1.27 -2.31
CA PHE A 119 3.83 2.26 -3.07
C PHE A 119 5.21 2.48 -2.46
N SER A 120 5.27 2.66 -1.14
CA SER A 120 6.57 2.97 -0.53
C SER A 120 7.51 1.75 -0.64
N HIS A 121 7.00 0.53 -0.43
CA HIS A 121 7.86 -0.63 -0.62
C HIS A 121 8.37 -0.70 -2.05
N ALA A 122 7.50 -0.47 -3.02
CA ALA A 122 7.96 -0.54 -4.40
C ALA A 122 8.96 0.59 -4.68
N TYR A 123 8.68 1.79 -4.20
CA TYR A 123 9.56 2.91 -4.51
C TYR A 123 10.96 2.65 -3.97
N PHE A 124 11.07 2.17 -2.74
CA PHE A 124 12.41 2.03 -2.15
C PHE A 124 13.09 0.72 -2.47
N HIS A 125 12.34 -0.36 -2.68
CA HIS A 125 12.98 -1.66 -2.91
C HIS A 125 12.80 -2.19 -4.32
N HIS A 126 11.99 -1.54 -5.16
CA HIS A 126 11.77 -1.97 -6.56
C HIS A 126 11.69 -0.74 -7.46
N ARG A 127 12.69 0.14 -7.33
CA ARG A 127 12.60 1.49 -7.90
C ARG A 127 12.33 1.47 -9.39
N GLN A 128 12.95 0.53 -10.14
CA GLN A 128 12.78 0.48 -11.58
C GLN A 128 11.34 0.13 -11.95
N ILE A 129 10.76 -0.86 -11.29
CA ILE A 129 9.39 -1.24 -11.57
C ILE A 129 8.43 -0.10 -11.18
N PHE A 130 8.63 0.47 -9.99
CA PHE A 130 7.83 1.60 -9.58
C PHE A 130 7.89 2.68 -10.65
N ASP A 131 9.10 3.03 -11.08
CA ASP A 131 9.25 4.16 -12.01
C ASP A 131 8.53 3.89 -13.31
N GLU A 132 8.66 2.66 -13.83
CA GLU A 132 8.00 2.28 -15.08
C GLU A 132 6.48 2.40 -14.95
N TYR A 133 5.94 1.87 -13.87
CA TYR A 133 4.50 1.87 -13.66
C TYR A 133 3.96 3.30 -13.45
N GLU A 134 4.68 4.11 -12.65
CA GLU A 134 4.26 5.48 -12.35
C GLU A 134 4.28 6.35 -13.59
N ASN A 135 5.29 6.17 -14.46
N ASN A 135 5.28 6.15 -14.46
CA ASN A 135 5.36 6.95 -15.69
CA ASN A 135 5.40 6.93 -15.69
C ASN A 135 4.18 6.64 -16.63
C ASN A 135 4.18 6.78 -16.58
N GLU A 136 3.54 5.56 -16.46
N GLU A 136 3.57 5.62 -16.56
CA GLU A 136 2.45 5.21 -17.27
CA GLU A 136 2.39 5.37 -17.32
C GLU A 136 1.08 5.52 -16.69
C GLU A 136 1.07 5.68 -16.69
N THR A 137 0.97 5.54 -15.38
CA THR A 137 -0.31 5.64 -14.70
C THR A 137 -0.42 6.82 -13.74
N PHE A 138 0.70 7.39 -13.29
CA PHE A 138 0.68 8.42 -12.27
C PHE A 138 -0.10 7.98 -11.04
N LEU A 139 -0.16 6.66 -10.77
CA LEU A 139 -1.09 6.16 -9.74
C LEU A 139 -0.73 6.70 -8.35
N CYS A 140 0.56 6.66 -8.00
CA CYS A 140 0.96 7.16 -6.67
C CYS A 140 0.65 8.64 -6.56
N HIS A 141 0.85 9.40 -7.62
N HIS A 141 0.85 9.39 -7.62
CA HIS A 141 0.54 10.83 -7.65
CA HIS A 141 0.55 10.80 -7.66
C HIS A 141 -0.94 11.00 -7.42
C HIS A 141 -0.94 11.01 -7.46
N ARG A 142 -1.73 10.26 -8.16
CA ARG A 142 -3.17 10.43 -8.05
C ARG A 142 -3.67 10.00 -6.67
N PHE A 143 -3.09 8.95 -6.13
CA PHE A 143 -3.51 8.45 -4.82
C PHE A 143 -3.13 9.44 -3.74
N THR A 144 -1.91 9.99 -3.82
CA THR A 144 -1.44 10.96 -2.83
C THR A 144 -2.34 12.19 -2.82
N LYS A 145 -2.70 12.71 -3.99
CA LYS A 145 -3.55 13.89 -4.04
C LYS A 145 -4.91 13.58 -3.43
N PHE A 146 -5.41 12.37 -3.68
CA PHE A 146 -6.72 11.97 -3.16
C PHE A 146 -6.72 11.88 -1.63
N VAL A 147 -5.71 11.20 -1.03
CA VAL A 147 -5.74 11.10 0.44
C VAL A 147 -5.51 12.47 1.07
N MET A 148 -4.74 13.34 0.43
CA MET A 148 -4.63 14.70 0.96
C MET A 148 -5.92 15.47 0.73
N LYS A 149 -6.53 15.32 -0.46
CA LYS A 149 -7.76 16.07 -0.74
C LYS A 149 -8.85 15.77 0.29
N TYR A 150 -8.93 14.52 0.75
CA TYR A 150 -9.98 14.13 1.69
C TYR A 150 -9.45 13.83 3.09
N ASN A 151 -8.22 14.27 3.40
CA ASN A 151 -7.64 14.14 4.74
C ASN A 151 -7.69 12.71 5.26
N LEU A 152 -7.30 11.75 4.40
CA LEU A 152 -7.38 10.33 4.76
C LEU A 152 -6.10 9.78 5.33
N MET A 153 -4.95 10.39 5.06
CA MET A 153 -3.74 10.01 5.76
C MET A 153 -3.07 11.25 6.32
N SER A 154 -2.37 11.05 7.43
CA SER A 154 -1.46 12.07 7.91
C SER A 154 -0.40 12.32 6.85
N LYS A 155 -0.13 13.60 6.59
CA LYS A 155 0.93 13.96 5.66
C LYS A 155 2.28 13.37 6.07
N ASP A 156 2.47 13.07 7.36
CA ASP A 156 3.75 12.52 7.82
C ASP A 156 4.05 11.19 7.14
N ASN A 157 3.02 10.43 6.76
CA ASN A 157 3.22 9.13 6.15
C ASN A 157 3.45 9.18 4.65
N LEU A 158 3.40 10.36 4.03
CA LEU A 158 3.53 10.46 2.57
C LEU A 158 5.00 10.62 2.20
N ILE A 159 5.74 9.50 2.28
CA ILE A 159 7.20 9.52 2.10
C ILE A 159 7.68 9.31 0.67
N VAL A 160 6.81 8.91 -0.27
CA VAL A 160 7.22 8.79 -1.67
C VAL A 160 7.13 10.15 -2.34
N PRO A 161 8.16 10.65 -3.03
CA PRO A 161 8.00 11.92 -3.76
C PRO A 161 7.06 11.78 -4.95
N ILE A 162 6.32 12.84 -5.14
CA ILE A 162 5.31 13.11 -6.16
C ILE A 162 4.54 11.88 -6.55
N GLU B 4 -6.27 -3.43 27.29
CA GLU B 4 -7.36 -4.10 26.58
C GLU B 4 -6.96 -4.96 25.35
N TRP B 5 -7.78 -4.97 24.31
CA TRP B 5 -7.36 -5.72 23.12
C TRP B 5 -6.32 -4.86 22.36
N SER B 6 -5.50 -5.52 21.56
CA SER B 6 -4.46 -4.85 20.82
C SER B 6 -4.38 -5.29 19.35
N PHE B 7 -3.98 -4.37 18.51
CA PHE B 7 -3.81 -4.66 17.09
C PHE B 7 -2.70 -3.80 16.46
N VAL B 10 2.59 -1.61 13.26
CA VAL B 10 3.93 -1.08 12.95
C VAL B 10 4.87 -1.41 14.10
N ARG B 11 6.03 -1.98 13.79
CA ARG B 11 7.01 -2.29 14.81
C ARG B 11 8.33 -1.66 14.40
N LYS B 12 9.03 -1.05 15.37
CA LYS B 12 10.30 -0.40 15.12
C LYS B 12 11.41 -1.39 15.44
N LYS B 13 12.25 -1.69 14.43
CA LYS B 13 13.40 -2.60 14.53
C LYS B 13 14.35 -2.25 15.68
N PRO B 14 14.89 -3.24 16.40
CA PRO B 14 15.78 -2.92 17.53
C PRO B 14 17.02 -2.13 17.12
#